data_1V92
#
_entry.id   1V92
#
_entity_poly.entity_id   1
_entity_poly.type   'polypeptide(L)'
_entity_poly.pdbx_seq_one_letter_code
;MAEERQDALREFVAVTGAEEDRARFFLESAGWDLQIALASFYEDGG
;
_entity_poly.pdbx_strand_id   A
#
# COMPACT_ATOMS: atom_id res chain seq x y z
N MET A 1 3.01 -15.50 7.97
CA MET A 1 2.56 -14.43 8.91
C MET A 1 3.32 -13.13 8.64
N ALA A 2 4.45 -12.95 9.29
CA ALA A 2 5.23 -11.70 9.07
C ALA A 2 5.42 -11.44 7.57
N GLU A 3 5.51 -12.49 6.78
CA GLU A 3 5.69 -12.30 5.32
C GLU A 3 4.45 -11.63 4.72
N GLU A 4 3.35 -11.63 5.43
CA GLU A 4 2.12 -10.99 4.89
C GLU A 4 2.42 -9.55 4.47
N ARG A 5 3.27 -8.88 5.20
CA ARG A 5 3.60 -7.46 4.84
C ARG A 5 4.05 -7.39 3.38
N GLN A 6 4.91 -8.28 2.98
CA GLN A 6 5.40 -8.27 1.57
C GLN A 6 4.26 -8.60 0.62
N ASP A 7 3.60 -9.70 0.82
CA ASP A 7 2.48 -10.09 -0.08
C ASP A 7 1.30 -9.12 0.08
N ALA A 8 0.90 -8.88 1.30
CA ALA A 8 -0.24 -7.95 1.53
C ALA A 8 -0.03 -6.64 0.76
N LEU A 9 1.02 -5.93 1.06
CA LEU A 9 1.28 -4.65 0.34
C LEU A 9 1.28 -4.90 -1.16
N ARG A 10 1.82 -6.00 -1.59
CA ARG A 10 1.82 -6.28 -3.05
C ARG A 10 0.38 -6.26 -3.54
N GLU A 11 -0.52 -6.89 -2.83
CA GLU A 11 -1.93 -6.84 -3.26
C GLU A 11 -2.25 -5.38 -3.52
N PHE A 12 -1.76 -4.54 -2.65
CA PHE A 12 -1.96 -3.08 -2.81
C PHE A 12 -1.21 -2.64 -4.06
N VAL A 13 0.05 -2.96 -4.11
CA VAL A 13 0.85 -2.60 -5.32
C VAL A 13 0.04 -3.00 -6.55
N ALA A 14 -0.85 -3.94 -6.38
CA ALA A 14 -1.70 -4.35 -7.51
C ALA A 14 -2.83 -3.34 -7.66
N VAL A 15 -3.24 -2.78 -6.55
CA VAL A 15 -4.32 -1.78 -6.56
C VAL A 15 -3.76 -0.41 -6.91
N THR A 16 -2.73 -0.03 -6.23
CA THR A 16 -2.11 1.29 -6.47
C THR A 16 -1.03 1.15 -7.55
N GLY A 17 -0.59 -0.04 -7.80
CA GLY A 17 0.46 -0.22 -8.83
C GLY A 17 1.79 0.28 -8.28
N ALA A 18 1.89 0.45 -6.98
CA ALA A 18 3.17 0.96 -6.42
C ALA A 18 4.26 -0.10 -6.52
N GLU A 19 5.37 0.16 -5.89
CA GLU A 19 6.48 -0.81 -5.90
C GLU A 19 6.49 -1.57 -4.58
N GLU A 20 6.83 -2.82 -4.60
CA GLU A 20 6.87 -3.60 -3.33
C GLU A 20 7.27 -2.65 -2.20
N ASP A 21 8.30 -1.89 -2.43
CA ASP A 21 8.79 -0.93 -1.41
C ASP A 21 7.95 0.35 -1.37
N ARG A 22 7.59 0.92 -2.49
CA ARG A 22 6.79 2.15 -2.44
C ARG A 22 5.54 1.92 -1.63
N ALA A 23 4.82 0.89 -1.94
CA ALA A 23 3.60 0.62 -1.15
C ALA A 23 4.00 0.40 0.29
N ARG A 24 4.86 -0.55 0.54
CA ARG A 24 5.30 -0.79 1.93
C ARG A 24 5.59 0.53 2.62
N PHE A 25 6.01 1.52 1.88
CA PHE A 25 6.28 2.83 2.50
C PHE A 25 4.99 3.41 3.05
N PHE A 26 4.07 3.69 2.17
CA PHE A 26 2.79 4.25 2.63
C PHE A 26 1.77 3.13 2.85
N LEU A 27 2.07 1.94 2.41
CA LEU A 27 1.15 0.80 2.66
C LEU A 27 1.10 0.60 4.17
N GLU A 28 2.26 0.45 4.76
CA GLU A 28 2.35 0.28 6.23
C GLU A 28 2.05 1.59 6.95
N SER A 29 2.63 2.65 6.49
CA SER A 29 2.39 3.96 7.15
C SER A 29 0.90 4.10 7.44
N ALA A 30 0.08 3.59 6.57
CA ALA A 30 -1.39 3.68 6.76
C ALA A 30 -1.93 2.37 7.36
N GLY A 31 -1.08 1.46 7.71
CA GLY A 31 -1.54 0.17 8.28
C GLY A 31 -1.69 -0.85 7.15
N TRP A 32 -0.77 -0.82 6.22
CA TRP A 32 -0.83 -1.73 5.06
C TRP A 32 -2.27 -1.94 4.63
N ASP A 33 -3.08 -0.95 4.84
CA ASP A 33 -4.51 -1.06 4.43
C ASP A 33 -4.67 -0.63 2.98
N LEU A 34 -5.67 -1.13 2.30
CA LEU A 34 -5.85 -0.74 0.88
C LEU A 34 -6.79 0.47 0.75
N GLN A 35 -7.81 0.53 1.57
CA GLN A 35 -8.76 1.67 1.49
C GLN A 35 -8.03 3.00 1.66
N ILE A 36 -7.40 3.23 2.79
CA ILE A 36 -6.68 4.50 3.02
C ILE A 36 -5.49 4.64 2.07
N ALA A 37 -4.59 3.71 2.14
CA ALA A 37 -3.39 3.77 1.25
C ALA A 37 -3.82 4.16 -0.16
N LEU A 38 -4.95 3.65 -0.59
CA LEU A 38 -5.44 4.00 -1.95
C LEU A 38 -5.79 5.48 -2.01
N ALA A 39 -6.63 5.93 -1.12
CA ALA A 39 -7.01 7.38 -1.13
C ALA A 39 -5.75 8.23 -1.26
N SER A 40 -4.67 7.80 -0.67
CA SER A 40 -3.41 8.58 -0.75
C SER A 40 -2.94 8.64 -2.20
N PHE A 41 -2.67 7.52 -2.79
CA PHE A 41 -2.22 7.49 -4.18
C PHE A 41 -3.06 8.46 -5.02
N TYR A 42 -4.35 8.35 -4.94
CA TYR A 42 -5.23 9.24 -5.73
C TYR A 42 -5.14 10.68 -5.21
N GLU A 43 -5.26 10.86 -3.93
CA GLU A 43 -5.19 12.23 -3.35
C GLU A 43 -3.75 12.63 -3.12
N ASP A 44 -2.87 11.92 -3.71
CA ASP A 44 -1.41 12.21 -3.56
C ASP A 44 -1.05 13.49 -4.31
N GLY A 45 -1.82 13.86 -5.29
CA GLY A 45 -1.52 15.09 -6.06
C GLY A 45 -2.42 15.17 -7.29
N GLY A 46 -3.68 15.46 -7.10
CA GLY A 46 -4.60 15.54 -8.26
C GLY A 46 -4.39 14.33 -9.18
N MET A 1 0.79 -12.64 9.22
CA MET A 1 2.15 -12.66 9.83
C MET A 1 3.16 -12.01 8.87
N ALA A 2 4.40 -12.38 8.98
CA ALA A 2 5.44 -11.78 8.08
C ALA A 2 4.98 -11.89 6.62
N GLU A 3 4.29 -12.94 6.27
CA GLU A 3 3.83 -13.10 4.87
C GLU A 3 2.77 -12.04 4.53
N GLU A 4 1.93 -11.71 5.48
CA GLU A 4 0.89 -10.68 5.22
C GLU A 4 1.54 -9.38 4.76
N ARG A 5 2.60 -8.97 5.39
CA ARG A 5 3.28 -7.71 4.99
C ARG A 5 3.71 -7.80 3.52
N GLN A 6 4.20 -8.94 3.11
CA GLN A 6 4.63 -9.09 1.69
C GLN A 6 3.42 -9.09 0.77
N ASP A 7 2.47 -9.95 1.00
CA ASP A 7 1.27 -10.01 0.14
C ASP A 7 0.42 -8.75 0.33
N ALA A 8 0.00 -8.48 1.54
CA ALA A 8 -0.82 -7.27 1.79
C ALA A 8 -0.23 -6.07 1.04
N LEU A 9 1.03 -5.82 1.23
CA LEU A 9 1.68 -4.68 0.50
C LEU A 9 1.56 -4.93 -0.99
N ARG A 10 2.01 -6.05 -1.47
CA ARG A 10 1.89 -6.32 -2.91
C ARG A 10 0.43 -6.15 -3.30
N GLU A 11 -0.48 -6.59 -2.47
CA GLU A 11 -1.90 -6.38 -2.79
C GLU A 11 -2.05 -4.90 -3.12
N PHE A 12 -1.28 -4.11 -2.41
CA PHE A 12 -1.30 -2.65 -2.64
C PHE A 12 -0.57 -2.35 -3.93
N VAL A 13 0.63 -2.84 -4.06
CA VAL A 13 1.37 -2.61 -5.32
C VAL A 13 0.54 -3.16 -6.46
N ALA A 14 -0.36 -4.03 -6.14
CA ALA A 14 -1.26 -4.61 -7.16
C ALA A 14 -2.41 -3.64 -7.40
N VAL A 15 -2.73 -2.84 -6.41
CA VAL A 15 -3.85 -1.88 -6.58
C VAL A 15 -3.32 -0.48 -6.83
N THR A 16 -2.32 -0.08 -6.10
CA THR A 16 -1.75 1.26 -6.30
C THR A 16 -0.73 1.17 -7.43
N GLY A 17 -0.24 -0.01 -7.68
CA GLY A 17 0.74 -0.20 -8.76
C GLY A 17 2.04 0.45 -8.36
N ALA A 18 2.22 0.67 -7.09
CA ALA A 18 3.48 1.31 -6.66
C ALA A 18 4.63 0.31 -6.65
N GLU A 19 5.79 0.75 -6.28
CA GLU A 19 6.95 -0.15 -6.24
C GLU A 19 6.94 -0.99 -4.97
N GLU A 20 7.36 -2.21 -5.07
CA GLU A 20 7.37 -3.10 -3.87
C GLU A 20 7.76 -2.30 -2.63
N ASP A 21 8.86 -1.61 -2.68
CA ASP A 21 9.32 -0.82 -1.51
C ASP A 21 8.60 0.52 -1.38
N ARG A 22 8.22 1.13 -2.47
CA ARG A 22 7.51 2.41 -2.38
C ARG A 22 6.21 2.21 -1.64
N ALA A 23 5.37 1.38 -2.18
CA ALA A 23 4.09 1.10 -1.51
C ALA A 23 4.39 0.66 -0.09
N ARG A 24 5.25 -0.31 0.09
CA ARG A 24 5.58 -0.76 1.47
C ARG A 24 5.89 0.45 2.34
N PHE A 25 6.41 1.51 1.77
CA PHE A 25 6.73 2.71 2.58
C PHE A 25 5.43 3.32 3.10
N PHE A 26 4.59 3.74 2.21
CA PHE A 26 3.31 4.33 2.66
C PHE A 26 2.23 3.26 2.80
N LEU A 27 2.49 2.07 2.30
CA LEU A 27 1.51 0.96 2.48
C LEU A 27 1.43 0.67 3.97
N GLU A 28 2.57 0.50 4.58
CA GLU A 28 2.62 0.24 6.04
C GLU A 28 2.28 1.50 6.83
N SER A 29 2.88 2.58 6.46
CA SER A 29 2.59 3.86 7.17
C SER A 29 1.09 3.98 7.41
N ALA A 30 0.32 3.50 6.47
CA ALA A 30 -1.16 3.56 6.61
C ALA A 30 -1.71 2.24 7.14
N GLY A 31 -0.85 1.33 7.50
CA GLY A 31 -1.33 0.02 8.02
C GLY A 31 -1.48 -0.95 6.84
N TRP A 32 -0.57 -0.88 5.91
CA TRP A 32 -0.61 -1.72 4.71
C TRP A 32 -2.06 -1.95 4.29
N ASP A 33 -2.89 -1.00 4.56
CA ASP A 33 -4.32 -1.14 4.18
C ASP A 33 -4.58 -0.36 2.88
N LEU A 34 -5.52 -0.79 2.10
CA LEU A 34 -5.80 -0.09 0.82
C LEU A 34 -6.74 1.11 1.05
N GLN A 35 -7.89 0.89 1.60
CA GLN A 35 -8.84 2.02 1.83
C GLN A 35 -8.06 3.29 2.19
N ILE A 36 -7.18 3.21 3.16
CA ILE A 36 -6.40 4.42 3.56
C ILE A 36 -5.27 4.69 2.55
N ALA A 37 -4.38 3.77 2.41
CA ALA A 37 -3.25 3.96 1.45
C ALA A 37 -3.78 4.20 0.04
N LEU A 38 -4.63 3.34 -0.43
CA LEU A 38 -5.20 3.53 -1.80
C LEU A 38 -5.85 4.90 -1.89
N ALA A 39 -6.62 5.27 -0.90
CA ALA A 39 -7.28 6.61 -0.93
C ALA A 39 -6.25 7.69 -1.24
N SER A 40 -5.08 7.60 -0.66
CA SER A 40 -4.04 8.62 -0.92
C SER A 40 -3.64 8.60 -2.39
N PHE A 41 -3.19 7.48 -2.87
CA PHE A 41 -2.80 7.38 -4.28
C PHE A 41 -3.81 8.10 -5.18
N TYR A 42 -5.07 7.79 -5.03
CA TYR A 42 -6.10 8.44 -5.86
C TYR A 42 -6.38 9.86 -5.35
N GLU A 43 -6.54 10.02 -4.06
CA GLU A 43 -6.82 11.37 -3.52
C GLU A 43 -5.70 11.80 -2.57
N ASP A 44 -5.44 13.07 -2.52
CA ASP A 44 -4.38 13.58 -1.60
C ASP A 44 -5.06 14.25 -0.42
N GLY A 45 -6.37 14.28 -0.43
CA GLY A 45 -7.11 14.93 0.69
C GLY A 45 -7.73 16.24 0.20
N GLY A 46 -8.35 16.22 -0.95
CA GLY A 46 -8.98 17.46 -1.48
C GLY A 46 -7.97 18.61 -1.40
N MET A 1 0.96 -14.93 8.52
CA MET A 1 1.19 -13.62 9.21
C MET A 1 2.29 -12.84 8.49
N ALA A 2 3.53 -13.16 8.75
CA ALA A 2 4.65 -12.44 8.09
C ALA A 2 4.42 -12.39 6.57
N GLU A 3 3.62 -13.27 6.05
CA GLU A 3 3.36 -13.25 4.58
C GLU A 3 2.37 -12.13 4.23
N GLU A 4 1.66 -11.63 5.20
CA GLU A 4 0.69 -10.54 4.92
C GLU A 4 1.44 -9.28 4.44
N ARG A 5 2.41 -8.85 5.19
CA ARG A 5 3.17 -7.63 4.78
C ARG A 5 3.58 -7.74 3.31
N GLN A 6 4.12 -8.84 2.92
CA GLN A 6 4.53 -9.02 1.50
C GLN A 6 3.32 -9.10 0.59
N ASP A 7 2.44 -10.03 0.84
CA ASP A 7 1.24 -10.17 -0.03
C ASP A 7 0.30 -8.98 0.17
N ALA A 8 -0.14 -8.75 1.38
CA ALA A 8 -1.05 -7.59 1.63
C ALA A 8 -0.55 -6.36 0.89
N LEU A 9 0.69 -6.00 1.09
CA LEU A 9 1.23 -4.82 0.38
C LEU A 9 1.15 -5.06 -1.12
N ARG A 10 1.68 -6.15 -1.59
CA ARG A 10 1.58 -6.42 -3.04
C ARG A 10 0.13 -6.23 -3.48
N GLU A 11 -0.80 -6.64 -2.66
CA GLU A 11 -2.20 -6.41 -3.03
C GLU A 11 -2.32 -4.94 -3.36
N PHE A 12 -1.68 -4.13 -2.58
CA PHE A 12 -1.67 -2.68 -2.83
C PHE A 12 -0.95 -2.41 -4.13
N VAL A 13 0.28 -2.86 -4.23
CA VAL A 13 1.02 -2.67 -5.50
C VAL A 13 0.09 -3.09 -6.63
N ALA A 14 -0.82 -3.97 -6.33
CA ALA A 14 -1.80 -4.39 -7.35
C ALA A 14 -2.70 -3.20 -7.65
N VAL A 15 -3.01 -2.45 -6.63
CA VAL A 15 -3.88 -1.26 -6.80
C VAL A 15 -3.05 -0.03 -7.17
N THR A 16 -2.06 0.25 -6.38
CA THR A 16 -1.19 1.43 -6.63
C THR A 16 -0.16 1.08 -7.66
N GLY A 17 0.26 -0.13 -7.63
CA GLY A 17 1.32 -0.55 -8.55
C GLY A 17 2.57 0.19 -8.10
N ALA A 18 2.51 0.73 -6.91
CA ALA A 18 3.68 1.48 -6.40
C ALA A 18 4.93 0.59 -6.46
N GLU A 19 6.03 1.05 -5.93
CA GLU A 19 7.23 0.23 -5.95
C GLU A 19 7.26 -0.63 -4.69
N GLU A 20 7.64 -1.87 -4.81
CA GLU A 20 7.68 -2.74 -3.60
C GLU A 20 8.00 -1.89 -2.38
N ASP A 21 9.00 -1.05 -2.50
CA ASP A 21 9.40 -0.19 -1.37
C ASP A 21 8.52 1.08 -1.27
N ARG A 22 8.23 1.73 -2.36
CA ARG A 22 7.41 2.94 -2.27
C ARG A 22 6.09 2.61 -1.58
N ALA A 23 5.44 1.59 -2.03
CA ALA A 23 4.17 1.20 -1.38
C ALA A 23 4.47 0.83 0.06
N ARG A 24 5.33 -0.13 0.26
CA ARG A 24 5.66 -0.50 1.67
C ARG A 24 5.96 0.74 2.48
N PHE A 25 6.37 1.81 1.83
CA PHE A 25 6.67 3.05 2.58
C PHE A 25 5.38 3.59 3.16
N PHE A 26 4.46 3.96 2.31
CA PHE A 26 3.18 4.49 2.83
C PHE A 26 2.17 3.35 2.99
N LEU A 27 2.44 2.22 2.42
CA LEU A 27 1.53 1.06 2.60
C LEU A 27 1.52 0.72 4.08
N GLU A 28 2.69 0.48 4.62
CA GLU A 28 2.80 0.15 6.07
C GLU A 28 2.55 1.36 6.93
N SER A 29 3.13 2.47 6.58
CA SER A 29 2.92 3.71 7.38
C SER A 29 1.45 3.82 7.74
N ALA A 30 0.60 3.45 6.83
CA ALA A 30 -0.87 3.52 7.09
C ALA A 30 -1.40 2.17 7.59
N GLY A 31 -0.52 1.23 7.82
CA GLY A 31 -0.96 -0.11 8.30
C GLY A 31 -1.21 -1.00 7.08
N TRP A 32 -0.35 -0.88 6.10
CA TRP A 32 -0.50 -1.66 4.86
C TRP A 32 -1.97 -1.84 4.52
N ASP A 33 -2.76 -0.88 4.90
CA ASP A 33 -4.21 -0.97 4.59
C ASP A 33 -4.50 -0.24 3.28
N LEU A 34 -5.50 -0.67 2.57
CA LEU A 34 -5.84 -0.01 1.27
C LEU A 34 -6.74 1.20 1.50
N GLN A 35 -7.83 1.04 2.17
CA GLN A 35 -8.73 2.21 2.42
C GLN A 35 -7.90 3.48 2.60
N ILE A 36 -6.92 3.43 3.46
CA ILE A 36 -6.06 4.63 3.69
C ILE A 36 -5.02 4.77 2.58
N ALA A 37 -4.16 3.79 2.45
CA ALA A 37 -3.10 3.85 1.41
C ALA A 37 -3.75 4.01 0.03
N LEU A 38 -4.69 3.17 -0.29
CA LEU A 38 -5.36 3.28 -1.61
C LEU A 38 -5.98 4.67 -1.75
N ALA A 39 -6.73 5.09 -0.77
CA ALA A 39 -7.35 6.44 -0.84
C ALA A 39 -6.27 7.46 -1.21
N SER A 40 -5.06 7.20 -0.86
CA SER A 40 -3.96 8.15 -1.18
C SER A 40 -3.62 8.10 -2.66
N PHE A 41 -3.11 7.00 -3.13
CA PHE A 41 -2.76 6.89 -4.55
C PHE A 41 -3.92 7.34 -5.45
N TYR A 42 -5.11 6.91 -5.13
CA TYR A 42 -6.27 7.29 -5.97
C TYR A 42 -6.63 8.77 -5.78
N GLU A 43 -6.47 9.28 -4.59
CA GLU A 43 -6.81 10.71 -4.35
C GLU A 43 -5.58 11.58 -4.59
N ASP A 44 -4.63 11.01 -5.22
CA ASP A 44 -3.36 11.76 -5.52
C ASP A 44 -3.57 12.67 -6.74
N GLY A 45 -4.73 12.63 -7.32
CA GLY A 45 -4.99 13.49 -8.52
C GLY A 45 -5.73 12.69 -9.58
N GLY A 46 -7.02 12.47 -9.40
CA GLY A 46 -7.79 11.70 -10.39
C GLY A 46 -9.25 11.60 -9.93
N MET A 1 1.17 -11.68 9.76
CA MET A 1 2.52 -12.30 9.98
C MET A 1 3.57 -11.58 9.14
N ALA A 2 4.82 -11.78 9.44
CA ALA A 2 5.90 -11.11 8.65
C ALA A 2 5.68 -11.34 7.16
N GLU A 3 5.29 -12.52 6.78
CA GLU A 3 5.06 -12.81 5.33
C GLU A 3 3.89 -11.97 4.80
N GLU A 4 2.90 -11.74 5.60
CA GLU A 4 1.73 -10.93 5.14
C GLU A 4 2.21 -9.57 4.65
N ARG A 5 3.13 -8.96 5.34
CA ARG A 5 3.65 -7.63 4.90
C ARG A 5 4.04 -7.68 3.43
N GLN A 6 4.63 -8.75 3.00
CA GLN A 6 5.04 -8.86 1.57
C GLN A 6 3.81 -9.04 0.68
N ASP A 7 3.09 -10.11 0.88
CA ASP A 7 1.88 -10.36 0.04
C ASP A 7 0.85 -9.24 0.26
N ALA A 8 0.63 -8.86 1.49
CA ALA A 8 -0.38 -7.78 1.76
C ALA A 8 -0.04 -6.54 0.93
N LEU A 9 1.11 -5.96 1.14
CA LEU A 9 1.47 -4.74 0.35
C LEU A 9 1.34 -5.06 -1.14
N ARG A 10 1.70 -6.25 -1.56
CA ARG A 10 1.55 -6.58 -2.99
C ARG A 10 0.11 -6.38 -3.41
N GLU A 11 -0.82 -6.88 -2.64
CA GLU A 11 -2.25 -6.65 -2.99
C GLU A 11 -2.37 -5.16 -3.29
N PHE A 12 -1.70 -4.38 -2.49
CA PHE A 12 -1.70 -2.92 -2.71
C PHE A 12 -0.98 -2.65 -4.02
N VAL A 13 0.21 -3.17 -4.17
CA VAL A 13 0.92 -2.99 -5.46
C VAL A 13 -0.03 -3.41 -6.56
N ALA A 14 -0.97 -4.25 -6.23
CA ALA A 14 -1.97 -4.68 -7.24
C ALA A 14 -2.95 -3.53 -7.48
N VAL A 15 -3.18 -2.72 -6.48
CA VAL A 15 -4.13 -1.59 -6.66
C VAL A 15 -3.37 -0.29 -6.92
N THR A 16 -2.33 -0.08 -6.18
CA THR A 16 -1.53 1.14 -6.33
C THR A 16 -0.38 0.86 -7.30
N GLY A 17 -0.20 -0.39 -7.65
CA GLY A 17 0.88 -0.74 -8.61
C GLY A 17 2.15 -0.02 -8.17
N ALA A 18 2.23 0.35 -6.93
CA ALA A 18 3.45 1.07 -6.47
C ALA A 18 4.66 0.16 -6.62
N GLU A 19 5.70 0.45 -5.90
CA GLU A 19 6.91 -0.38 -5.95
C GLU A 19 6.99 -1.16 -4.63
N GLU A 20 7.49 -2.35 -4.66
CA GLU A 20 7.59 -3.12 -3.39
C GLU A 20 7.80 -2.14 -2.24
N ASP A 21 8.71 -1.24 -2.43
CA ASP A 21 9.01 -0.23 -1.37
C ASP A 21 8.08 0.99 -1.43
N ARG A 22 7.72 1.47 -2.59
CA ARG A 22 6.83 2.65 -2.64
C ARG A 22 5.51 2.29 -2.00
N ALA A 23 4.98 1.15 -2.33
CA ALA A 23 3.71 0.74 -1.71
C ALA A 23 3.97 0.52 -0.22
N ARG A 24 4.86 -0.38 0.11
CA ARG A 24 5.16 -0.60 1.56
C ARG A 24 5.40 0.76 2.22
N PHE A 25 5.74 1.76 1.45
CA PHE A 25 5.98 3.10 2.04
C PHE A 25 4.69 3.64 2.59
N PHE A 26 3.72 3.86 1.75
CA PHE A 26 2.45 4.37 2.27
C PHE A 26 1.51 3.20 2.57
N LEU A 27 1.85 2.02 2.11
CA LEU A 27 1.01 0.84 2.42
C LEU A 27 1.02 0.70 3.95
N GLU A 28 2.20 0.61 4.51
CA GLU A 28 2.33 0.48 5.98
C GLU A 28 1.99 1.80 6.68
N SER A 29 2.53 2.87 6.20
CA SER A 29 2.24 4.18 6.83
C SER A 29 0.76 4.27 7.15
N ALA A 30 -0.05 3.64 6.36
CA ALA A 30 -1.51 3.66 6.58
C ALA A 30 -1.99 2.32 7.17
N GLY A 31 -1.09 1.44 7.48
CA GLY A 31 -1.49 0.12 8.04
C GLY A 31 -1.61 -0.89 6.91
N TRP A 32 -0.70 -0.84 5.98
CA TRP A 32 -0.73 -1.75 4.82
C TRP A 32 -2.16 -2.02 4.41
N ASP A 33 -3.01 -1.07 4.61
CA ASP A 33 -4.44 -1.25 4.24
C ASP A 33 -4.66 -0.76 2.80
N LEU A 34 -5.72 -1.17 2.17
CA LEU A 34 -5.96 -0.73 0.77
C LEU A 34 -6.83 0.54 0.75
N GLN A 35 -7.86 0.57 1.55
CA GLN A 35 -8.76 1.76 1.57
C GLN A 35 -7.96 3.05 1.79
N ILE A 36 -7.42 3.21 2.97
CA ILE A 36 -6.65 4.45 3.28
C ILE A 36 -5.44 4.58 2.35
N ALA A 37 -4.60 3.61 2.36
CA ALA A 37 -3.38 3.67 1.49
C ALA A 37 -3.81 4.13 0.10
N LEU A 38 -4.92 3.65 -0.37
CA LEU A 38 -5.41 4.07 -1.71
C LEU A 38 -5.71 5.57 -1.67
N ALA A 39 -6.38 6.01 -0.64
CA ALA A 39 -6.68 7.46 -0.54
C ALA A 39 -5.42 8.25 -0.87
N SER A 40 -4.29 7.79 -0.38
CA SER A 40 -3.03 8.50 -0.68
C SER A 40 -2.76 8.47 -2.18
N PHE A 41 -2.44 7.32 -2.71
CA PHE A 41 -2.18 7.21 -4.14
C PHE A 41 -3.12 8.10 -4.96
N TYR A 42 -4.35 8.19 -4.57
CA TYR A 42 -5.31 9.01 -5.36
C TYR A 42 -5.43 10.43 -4.78
N GLU A 43 -5.48 10.56 -3.49
CA GLU A 43 -5.59 11.91 -2.89
C GLU A 43 -4.22 12.54 -2.72
N ASP A 44 -3.27 11.96 -3.36
CA ASP A 44 -1.87 12.48 -3.28
C ASP A 44 -1.58 13.42 -4.45
N GLY A 45 -2.60 13.77 -5.20
CA GLY A 45 -2.38 14.68 -6.37
C GLY A 45 -3.64 14.73 -7.22
N GLY A 46 -4.67 15.38 -6.74
CA GLY A 46 -5.93 15.46 -7.53
C GLY A 46 -6.36 14.06 -7.95
N MET A 1 2.90 -15.49 9.70
CA MET A 1 2.06 -14.26 9.57
C MET A 1 2.84 -13.17 8.83
N ALA A 2 4.06 -12.94 9.23
CA ALA A 2 4.88 -11.88 8.56
C ALA A 2 4.67 -11.94 7.03
N GLU A 3 4.45 -13.12 6.51
CA GLU A 3 4.26 -13.24 5.04
C GLU A 3 3.19 -12.26 4.56
N GLU A 4 2.23 -11.95 5.40
CA GLU A 4 1.16 -10.99 4.99
C GLU A 4 1.78 -9.67 4.53
N ARG A 5 2.83 -9.23 5.18
CA ARG A 5 3.47 -7.95 4.78
C ARG A 5 3.85 -7.98 3.30
N GLN A 6 4.36 -9.09 2.84
CA GLN A 6 4.76 -9.19 1.41
C GLN A 6 3.51 -9.20 0.53
N ASP A 7 2.62 -10.13 0.75
CA ASP A 7 1.38 -10.19 -0.08
C ASP A 7 0.50 -8.96 0.18
N ALA A 8 0.15 -8.71 1.41
CA ALA A 8 -0.70 -7.53 1.72
C ALA A 8 -0.20 -6.31 0.94
N LEU A 9 1.04 -5.95 1.13
CA LEU A 9 1.59 -4.77 0.40
C LEU A 9 1.44 -5.03 -1.10
N ARG A 10 1.89 -6.16 -1.58
CA ARG A 10 1.74 -6.42 -3.02
C ARG A 10 0.28 -6.22 -3.41
N GLU A 11 -0.63 -6.63 -2.57
CA GLU A 11 -2.05 -6.39 -2.88
C GLU A 11 -2.16 -4.91 -3.22
N PHE A 12 -1.41 -4.13 -2.49
CA PHE A 12 -1.40 -2.67 -2.73
C PHE A 12 -0.70 -2.40 -4.04
N VAL A 13 0.52 -2.86 -4.17
CA VAL A 13 1.22 -2.65 -5.45
C VAL A 13 0.36 -3.17 -6.57
N ALA A 14 -0.53 -4.07 -6.25
CA ALA A 14 -1.45 -4.60 -7.27
C ALA A 14 -2.56 -3.57 -7.50
N VAL A 15 -2.84 -2.77 -6.51
CA VAL A 15 -3.92 -1.75 -6.67
C VAL A 15 -3.33 -0.35 -6.86
N THR A 16 -2.35 -0.03 -6.09
CA THR A 16 -1.72 1.31 -6.22
C THR A 16 -0.82 1.28 -7.45
N GLY A 17 -0.47 0.10 -7.87
CA GLY A 17 0.38 -0.04 -9.06
C GLY A 17 1.75 0.54 -8.73
N ALA A 18 2.08 0.63 -7.49
CA ALA A 18 3.42 1.18 -7.14
C ALA A 18 4.40 0.05 -6.99
N GLU A 19 5.58 0.33 -6.52
CA GLU A 19 6.55 -0.75 -6.34
C GLU A 19 6.38 -1.34 -4.95
N GLU A 20 7.24 -2.23 -4.59
CA GLU A 20 7.14 -2.85 -3.24
C GLU A 20 7.50 -1.84 -2.15
N ASP A 21 8.62 -1.19 -2.29
CA ASP A 21 9.08 -0.23 -1.26
C ASP A 21 8.21 1.03 -1.20
N ARG A 22 7.79 1.57 -2.31
CA ARG A 22 6.96 2.79 -2.23
C ARG A 22 5.72 2.49 -1.42
N ALA A 23 4.99 1.49 -1.80
CA ALA A 23 3.79 1.15 -1.02
C ALA A 23 4.22 0.79 0.40
N ARG A 24 5.12 -0.15 0.54
CA ARG A 24 5.57 -0.51 1.91
C ARG A 24 5.86 0.76 2.71
N PHE A 25 6.26 1.80 2.05
CA PHE A 25 6.55 3.05 2.80
C PHE A 25 5.24 3.55 3.40
N PHE A 26 4.31 3.91 2.56
CA PHE A 26 3.03 4.41 3.06
C PHE A 26 2.02 3.26 3.17
N LEU A 27 2.33 2.12 2.60
CA LEU A 27 1.42 0.95 2.74
C LEU A 27 1.40 0.58 4.21
N GLU A 28 2.56 0.35 4.77
CA GLU A 28 2.65 0.00 6.21
C GLU A 28 2.37 1.22 7.09
N SER A 29 2.95 2.33 6.77
CA SER A 29 2.72 3.55 7.58
C SER A 29 1.23 3.66 7.89
N ALA A 30 0.41 3.27 6.97
CA ALA A 30 -1.06 3.35 7.18
C ALA A 30 -1.62 2.00 7.62
N GLY A 31 -0.76 1.04 7.87
CA GLY A 31 -1.24 -0.30 8.29
C GLY A 31 -1.41 -1.17 7.04
N TRP A 32 -0.49 -1.05 6.13
CA TRP A 32 -0.54 -1.80 4.86
C TRP A 32 -1.99 -1.95 4.41
N ASP A 33 -2.79 -0.97 4.74
CA ASP A 33 -4.22 -1.02 4.32
C ASP A 33 -4.39 -0.24 3.01
N LEU A 34 -5.33 -0.65 2.20
CA LEU A 34 -5.54 0.06 0.90
C LEU A 34 -6.43 1.29 1.08
N GLN A 35 -7.61 1.11 1.61
CA GLN A 35 -8.52 2.28 1.80
C GLN A 35 -7.73 3.54 2.14
N ILE A 36 -6.79 3.43 3.04
CA ILE A 36 -5.98 4.63 3.43
C ILE A 36 -4.88 4.88 2.40
N ALA A 37 -3.96 3.96 2.27
CA ALA A 37 -2.85 4.14 1.28
C ALA A 37 -3.43 4.36 -0.11
N LEU A 38 -4.34 3.52 -0.52
CA LEU A 38 -4.93 3.68 -1.87
C LEU A 38 -5.61 5.05 -1.98
N ALA A 39 -6.40 5.40 -1.01
CA ALA A 39 -7.08 6.73 -1.05
C ALA A 39 -6.09 7.81 -1.51
N SER A 40 -5.03 7.99 -0.78
CA SER A 40 -4.03 9.02 -1.17
C SER A 40 -3.61 8.85 -2.63
N PHE A 41 -3.20 7.67 -2.99
CA PHE A 41 -2.80 7.43 -4.38
C PHE A 41 -3.82 8.02 -5.34
N TYR A 42 -5.02 7.51 -5.34
CA TYR A 42 -6.06 8.05 -6.25
C TYR A 42 -6.44 9.47 -5.83
N GLU A 43 -6.45 9.74 -4.55
CA GLU A 43 -6.81 11.10 -4.07
C GLU A 43 -5.74 12.10 -4.47
N ASP A 44 -5.94 13.35 -4.15
CA ASP A 44 -4.92 14.37 -4.49
C ASP A 44 -3.63 14.00 -3.77
N GLY A 45 -3.63 12.89 -3.07
CA GLY A 45 -2.43 12.46 -2.34
C GLY A 45 -1.70 11.40 -3.15
N GLY A 46 -1.76 11.51 -4.44
CA GLY A 46 -1.08 10.51 -5.31
C GLY A 46 -1.30 10.88 -6.78
N MET A 1 1.47 -11.38 9.28
CA MET A 1 2.84 -11.28 9.87
C MET A 1 3.84 -10.85 8.80
N ALA A 2 5.10 -11.18 8.99
CA ALA A 2 6.13 -10.79 7.99
C ALA A 2 5.69 -11.21 6.58
N GLU A 3 5.65 -12.48 6.32
CA GLU A 3 5.22 -12.96 4.96
C GLU A 3 4.02 -12.15 4.48
N GLU A 4 3.07 -11.92 5.35
CA GLU A 4 1.86 -11.14 4.93
C GLU A 4 2.27 -9.78 4.38
N ARG A 5 3.19 -9.13 5.03
CA ARG A 5 3.64 -7.79 4.55
C ARG A 5 4.07 -7.87 3.09
N GLN A 6 4.69 -8.94 2.70
CA GLN A 6 5.14 -9.09 1.29
C GLN A 6 3.92 -9.21 0.38
N ASP A 7 3.13 -10.22 0.58
CA ASP A 7 1.92 -10.40 -0.26
C ASP A 7 0.91 -9.29 0.02
N ALA A 8 0.88 -8.79 1.22
CA ALA A 8 -0.09 -7.70 1.55
C ALA A 8 0.15 -6.48 0.65
N LEU A 9 1.30 -5.89 0.74
CA LEU A 9 1.59 -4.71 -0.12
C LEU A 9 1.36 -5.08 -1.58
N ARG A 10 1.74 -6.26 -1.98
CA ARG A 10 1.51 -6.64 -3.39
C ARG A 10 0.02 -6.51 -3.72
N GLU A 11 -0.85 -6.84 -2.81
CA GLU A 11 -2.29 -6.65 -3.10
C GLU A 11 -2.45 -5.18 -3.43
N PHE A 12 -1.81 -4.36 -2.63
CA PHE A 12 -1.84 -2.91 -2.87
C PHE A 12 -1.07 -2.58 -4.14
N VAL A 13 0.16 -3.01 -4.21
CA VAL A 13 0.94 -2.75 -5.45
C VAL A 13 0.08 -3.19 -6.63
N ALA A 14 -0.83 -4.07 -6.38
CA ALA A 14 -1.73 -4.53 -7.47
C ALA A 14 -2.82 -3.48 -7.67
N VAL A 15 -3.16 -2.78 -6.63
CA VAL A 15 -4.21 -1.73 -6.75
C VAL A 15 -3.59 -0.37 -7.00
N THR A 16 -2.55 -0.07 -6.28
CA THR A 16 -1.88 1.24 -6.44
C THR A 16 -0.82 1.10 -7.52
N GLY A 17 -0.43 -0.10 -7.82
CA GLY A 17 0.60 -0.32 -8.86
C GLY A 17 1.91 0.26 -8.39
N ALA A 18 2.04 0.45 -7.10
CA ALA A 18 3.32 1.03 -6.60
C ALA A 18 4.41 -0.04 -6.55
N GLU A 19 5.56 0.33 -6.05
CA GLU A 19 6.68 -0.61 -5.96
C GLU A 19 6.63 -1.36 -4.64
N GLU A 20 7.11 -2.57 -4.64
CA GLU A 20 7.11 -3.36 -3.38
C GLU A 20 7.48 -2.46 -2.21
N ASP A 21 8.57 -1.75 -2.34
CA ASP A 21 9.02 -0.85 -1.25
C ASP A 21 8.18 0.43 -1.18
N ARG A 22 7.74 0.94 -2.29
CA ARG A 22 6.92 2.17 -2.27
C ARG A 22 5.69 1.93 -1.41
N ALA A 23 4.94 0.93 -1.74
CA ALA A 23 3.74 0.62 -0.93
C ALA A 23 4.16 0.42 0.51
N ARG A 24 5.07 -0.47 0.74
CA ARG A 24 5.54 -0.71 2.12
C ARG A 24 5.78 0.63 2.83
N PHE A 25 6.25 1.61 2.12
CA PHE A 25 6.50 2.92 2.77
C PHE A 25 5.18 3.54 3.22
N PHE A 26 4.30 3.80 2.31
CA PHE A 26 3.03 4.40 2.72
C PHE A 26 2.00 3.33 3.04
N LEU A 27 2.30 2.08 2.74
CA LEU A 27 1.36 1.00 3.13
C LEU A 27 1.31 1.00 4.66
N GLU A 28 2.47 0.85 5.26
CA GLU A 28 2.56 0.87 6.73
C GLU A 28 2.12 2.22 7.27
N SER A 29 2.61 3.26 6.69
CA SER A 29 2.23 4.61 7.14
C SER A 29 0.72 4.67 7.37
N ALA A 30 -0.02 3.96 6.57
CA ALA A 30 -1.49 3.96 6.70
C ALA A 30 -2.00 2.64 7.30
N GLY A 31 -1.11 1.76 7.67
CA GLY A 31 -1.55 0.46 8.24
C GLY A 31 -1.76 -0.54 7.11
N TRP A 32 -0.89 -0.53 6.15
CA TRP A 32 -0.99 -1.42 4.99
C TRP A 32 -2.44 -1.60 4.57
N ASP A 33 -3.25 -0.63 4.84
CA ASP A 33 -4.67 -0.72 4.44
C ASP A 33 -4.86 -0.06 3.08
N LEU A 34 -5.72 -0.58 2.27
CA LEU A 34 -5.94 0.00 0.92
C LEU A 34 -6.79 1.27 1.01
N GLN A 35 -8.00 1.17 1.47
CA GLN A 35 -8.87 2.39 1.57
C GLN A 35 -8.00 3.60 1.93
N ILE A 36 -7.02 3.40 2.76
CA ILE A 36 -6.11 4.52 3.16
C ILE A 36 -4.98 4.63 2.15
N ALA A 37 -4.13 3.66 2.17
CA ALA A 37 -2.98 3.65 1.21
C ALA A 37 -3.50 3.94 -0.18
N LEU A 38 -4.54 3.24 -0.58
CA LEU A 38 -5.11 3.49 -1.94
C LEU A 38 -5.65 4.91 -2.03
N ALA A 39 -6.48 5.30 -1.09
CA ALA A 39 -7.04 6.68 -1.13
C ALA A 39 -5.91 7.69 -1.33
N SER A 40 -4.78 7.45 -0.71
CA SER A 40 -3.64 8.40 -0.86
C SER A 40 -3.18 8.45 -2.31
N PHE A 41 -2.84 7.34 -2.88
CA PHE A 41 -2.42 7.30 -4.28
C PHE A 41 -3.30 8.20 -5.12
N TYR A 42 -4.60 8.03 -5.01
CA TYR A 42 -5.52 8.86 -5.81
C TYR A 42 -5.73 10.22 -5.15
N GLU A 43 -5.99 10.25 -3.87
CA GLU A 43 -6.19 11.53 -3.16
C GLU A 43 -5.02 11.85 -2.25
N ASP A 44 -4.74 13.10 -2.05
CA ASP A 44 -3.62 13.48 -1.16
C ASP A 44 -4.05 13.24 0.29
N GLY A 45 -5.27 12.79 0.47
CA GLY A 45 -5.76 12.53 1.86
C GLY A 45 -7.08 13.28 2.08
N GLY A 46 -8.16 12.74 1.61
CA GLY A 46 -9.48 13.43 1.80
C GLY A 46 -9.66 13.78 3.28
N MET A 1 1.43 -13.07 9.24
CA MET A 1 2.87 -13.07 9.63
C MET A 1 3.70 -12.25 8.64
N ALA A 2 5.00 -12.28 8.77
CA ALA A 2 5.85 -11.51 7.83
C ALA A 2 5.34 -11.66 6.39
N GLU A 3 4.75 -12.78 6.08
CA GLU A 3 4.23 -12.98 4.70
C GLU A 3 3.17 -11.93 4.37
N GLU A 4 2.49 -11.43 5.36
CA GLU A 4 1.45 -10.41 5.10
C GLU A 4 2.09 -9.16 4.48
N ARG A 5 3.13 -8.66 5.07
CA ARG A 5 3.79 -7.45 4.52
C ARG A 5 4.06 -7.64 3.01
N GLN A 6 4.62 -8.75 2.65
CA GLN A 6 4.92 -9.00 1.21
C GLN A 6 3.63 -9.21 0.43
N ASP A 7 2.81 -10.13 0.83
CA ASP A 7 1.54 -10.39 0.10
C ASP A 7 0.56 -9.24 0.31
N ALA A 8 0.19 -8.97 1.54
CA ALA A 8 -0.76 -7.86 1.80
C ALA A 8 -0.34 -6.61 1.02
N LEU A 9 0.87 -6.18 1.19
CA LEU A 9 1.35 -4.97 0.45
C LEU A 9 1.20 -5.24 -1.05
N ARG A 10 1.66 -6.37 -1.52
CA ARG A 10 1.51 -6.64 -2.97
C ARG A 10 0.06 -6.48 -3.35
N GLU A 11 -0.86 -6.99 -2.56
CA GLU A 11 -2.29 -6.79 -2.89
C GLU A 11 -2.45 -5.31 -3.18
N PHE A 12 -1.77 -4.51 -2.40
CA PHE A 12 -1.80 -3.06 -2.61
C PHE A 12 -1.11 -2.76 -3.92
N VAL A 13 0.10 -3.21 -4.09
CA VAL A 13 0.78 -2.99 -5.38
C VAL A 13 -0.20 -3.40 -6.47
N ALA A 14 -1.11 -4.27 -6.14
CA ALA A 14 -2.12 -4.67 -7.13
C ALA A 14 -3.04 -3.49 -7.39
N VAL A 15 -3.34 -2.74 -6.36
CA VAL A 15 -4.23 -1.56 -6.55
C VAL A 15 -3.40 -0.31 -6.91
N THR A 16 -2.38 -0.04 -6.16
CA THR A 16 -1.52 1.14 -6.43
C THR A 16 -0.52 0.79 -7.49
N GLY A 17 -0.10 -0.42 -7.45
CA GLY A 17 0.94 -0.86 -8.40
C GLY A 17 2.18 -0.12 -7.99
N ALA A 18 2.17 0.42 -6.80
CA ALA A 18 3.35 1.18 -6.31
C ALA A 18 4.59 0.30 -6.37
N GLU A 19 5.70 0.79 -5.90
CA GLU A 19 6.93 -0.02 -5.91
C GLU A 19 7.02 -0.77 -4.59
N GLU A 20 7.47 -1.99 -4.59
CA GLU A 20 7.58 -2.74 -3.31
C GLU A 20 7.87 -1.75 -2.19
N ASP A 21 8.82 -0.88 -2.41
CA ASP A 21 9.17 0.13 -1.39
C ASP A 21 8.20 1.31 -1.39
N ARG A 22 7.86 1.84 -2.53
CA ARG A 22 6.93 2.99 -2.55
C ARG A 22 5.60 2.56 -1.92
N ALA A 23 5.12 1.41 -2.25
CA ALA A 23 3.87 0.93 -1.64
C ALA A 23 4.10 0.76 -0.15
N ARG A 24 5.07 -0.04 0.22
CA ARG A 24 5.36 -0.23 1.66
C ARG A 24 5.47 1.14 2.32
N PHE A 25 5.77 2.15 1.56
CA PHE A 25 5.90 3.51 2.13
C PHE A 25 4.55 3.98 2.63
N PHE A 26 3.61 4.10 1.75
CA PHE A 26 2.28 4.55 2.21
C PHE A 26 1.40 3.33 2.53
N LEU A 27 1.82 2.17 2.11
CA LEU A 27 1.03 0.95 2.45
C LEU A 27 1.06 0.81 3.96
N GLU A 28 2.24 0.74 4.51
CA GLU A 28 2.40 0.61 5.99
C GLU A 28 2.02 1.90 6.70
N SER A 29 2.47 3.01 6.20
CA SER A 29 2.13 4.30 6.85
C SER A 29 0.64 4.30 7.21
N ALA A 30 -0.15 3.74 6.35
CA ALA A 30 -1.61 3.69 6.61
C ALA A 30 -2.00 2.34 7.23
N GLY A 31 -1.05 1.53 7.56
CA GLY A 31 -1.35 0.21 8.15
C GLY A 31 -1.48 -0.82 7.01
N TRP A 32 -0.59 -0.75 6.07
CA TRP A 32 -0.62 -1.66 4.91
C TRP A 32 -2.06 -1.95 4.53
N ASP A 33 -2.91 -1.00 4.75
CA ASP A 33 -4.35 -1.19 4.40
C ASP A 33 -4.58 -0.78 2.95
N LEU A 34 -5.70 -1.15 2.39
CA LEU A 34 -5.96 -0.79 0.97
C LEU A 34 -6.75 0.53 0.88
N GLN A 35 -7.94 0.57 1.42
CA GLN A 35 -8.75 1.83 1.36
C GLN A 35 -7.92 3.03 1.81
N ILE A 36 -7.03 2.84 2.73
CA ILE A 36 -6.19 4.00 3.20
C ILE A 36 -5.04 4.22 2.23
N ALA A 37 -4.12 3.30 2.24
CA ALA A 37 -2.95 3.42 1.32
C ALA A 37 -3.45 3.89 -0.04
N LEU A 38 -4.62 3.46 -0.41
CA LEU A 38 -5.20 3.90 -1.70
C LEU A 38 -5.48 5.40 -1.64
N ALA A 39 -6.17 5.83 -0.62
CA ALA A 39 -6.45 7.29 -0.49
C ALA A 39 -5.18 8.06 -0.81
N SER A 40 -4.04 7.49 -0.51
CA SER A 40 -2.76 8.18 -0.80
C SER A 40 -2.51 8.20 -2.30
N PHE A 41 -2.21 7.07 -2.88
CA PHE A 41 -1.98 7.01 -4.33
C PHE A 41 -3.02 7.84 -5.07
N TYR A 42 -4.27 7.66 -4.74
CA TYR A 42 -5.34 8.42 -5.42
C TYR A 42 -5.45 9.83 -4.85
N GLU A 43 -5.33 9.97 -3.55
CA GLU A 43 -5.43 11.31 -2.92
C GLU A 43 -4.20 11.59 -2.08
N ASP A 44 -3.87 12.83 -1.93
CA ASP A 44 -2.71 13.22 -1.10
C ASP A 44 -3.20 14.12 0.03
N GLY A 45 -4.49 14.40 0.04
CA GLY A 45 -5.06 15.27 1.11
C GLY A 45 -5.88 16.38 0.47
N GLY A 46 -7.02 16.04 -0.07
CA GLY A 46 -7.89 17.08 -0.71
C GLY A 46 -7.02 18.03 -1.54
N MET A 1 1.71 -12.27 9.66
CA MET A 1 3.02 -12.96 9.57
C MET A 1 3.97 -12.18 8.65
N ALA A 2 5.25 -12.42 8.77
CA ALA A 2 6.23 -11.69 7.92
C ALA A 2 5.84 -11.81 6.44
N GLU A 3 5.18 -12.89 6.08
CA GLU A 3 4.78 -13.07 4.66
C GLU A 3 3.66 -12.08 4.30
N GLU A 4 2.88 -11.67 5.26
CA GLU A 4 1.78 -10.71 4.96
C GLU A 4 2.35 -9.38 4.47
N ARG A 5 3.27 -8.81 5.21
CA ARG A 5 3.86 -7.51 4.78
C ARG A 5 4.19 -7.53 3.29
N GLN A 6 4.83 -8.57 2.83
CA GLN A 6 5.18 -8.66 1.39
C GLN A 6 3.93 -8.89 0.56
N ASP A 7 3.23 -9.96 0.79
CA ASP A 7 2.01 -10.25 0.00
C ASP A 7 0.95 -9.17 0.26
N ALA A 8 0.65 -8.88 1.50
CA ALA A 8 -0.36 -7.85 1.80
C ALA A 8 -0.08 -6.58 0.99
N LEU A 9 1.04 -5.95 1.21
CA LEU A 9 1.35 -4.72 0.44
C LEU A 9 1.30 -5.03 -1.05
N ARG A 10 1.78 -6.17 -1.46
CA ARG A 10 1.71 -6.50 -2.91
C ARG A 10 0.25 -6.43 -3.33
N GLU A 11 -0.64 -6.97 -2.53
CA GLU A 11 -2.07 -6.87 -2.89
C GLU A 11 -2.32 -5.41 -3.24
N PHE A 12 -1.76 -4.54 -2.44
CA PHE A 12 -1.90 -3.09 -2.71
C PHE A 12 -1.13 -2.78 -3.99
N VAL A 13 0.12 -3.10 -4.02
CA VAL A 13 0.89 -2.85 -5.28
C VAL A 13 0.07 -3.40 -6.43
N ALA A 14 -0.81 -4.33 -6.14
CA ALA A 14 -1.66 -4.88 -7.21
C ALA A 14 -2.80 -3.90 -7.51
N VAL A 15 -3.21 -3.15 -6.52
CA VAL A 15 -4.30 -2.16 -6.76
C VAL A 15 -3.72 -0.81 -7.12
N THR A 16 -2.68 -0.43 -6.44
CA THR A 16 -2.03 0.87 -6.69
C THR A 16 -0.95 0.66 -7.75
N GLY A 17 -0.53 -0.56 -7.94
CA GLY A 17 0.52 -0.83 -8.94
C GLY A 17 1.76 -0.06 -8.56
N ALA A 18 1.89 0.28 -7.31
CA ALA A 18 3.11 1.04 -6.90
C ALA A 18 4.31 0.12 -6.78
N GLU A 19 5.39 0.66 -6.29
CA GLU A 19 6.61 -0.12 -6.13
C GLU A 19 6.61 -0.80 -4.77
N GLU A 20 7.16 -1.98 -4.70
CA GLU A 20 7.22 -2.69 -3.39
C GLU A 20 7.38 -1.68 -2.26
N ASP A 21 8.34 -0.82 -2.38
CA ASP A 21 8.58 0.20 -1.32
C ASP A 21 7.51 1.30 -1.35
N ARG A 22 7.21 1.83 -2.49
CA ARG A 22 6.19 2.89 -2.56
C ARG A 22 4.94 2.42 -1.87
N ALA A 23 4.53 1.22 -2.14
CA ALA A 23 3.32 0.71 -1.44
C ALA A 23 3.66 0.57 0.03
N ARG A 24 4.61 -0.26 0.35
CA ARG A 24 5.00 -0.41 1.77
C ARG A 24 5.16 0.97 2.39
N PHE A 25 5.40 1.98 1.59
CA PHE A 25 5.56 3.35 2.13
C PHE A 25 4.22 3.80 2.71
N PHE A 26 3.23 3.94 1.87
CA PHE A 26 1.92 4.36 2.39
C PHE A 26 1.12 3.13 2.82
N LEU A 27 1.54 1.96 2.39
CA LEU A 27 0.82 0.74 2.81
C LEU A 27 0.89 0.66 4.33
N GLU A 28 2.08 0.60 4.84
CA GLU A 28 2.28 0.52 6.31
C GLU A 28 1.92 1.84 7.00
N SER A 29 2.38 2.92 6.45
CA SER A 29 2.06 4.24 7.06
C SER A 29 0.59 4.27 7.47
N ALA A 30 -0.23 3.65 6.67
CA ALA A 30 -1.69 3.63 6.97
C ALA A 30 -2.10 2.29 7.59
N GLY A 31 -1.15 1.44 7.86
CA GLY A 31 -1.48 0.11 8.45
C GLY A 31 -1.58 -0.91 7.31
N TRP A 32 -0.65 -0.86 6.40
CA TRP A 32 -0.64 -1.77 5.25
C TRP A 32 -2.07 -2.03 4.79
N ASP A 33 -2.90 -1.05 4.95
CA ASP A 33 -4.32 -1.18 4.52
C ASP A 33 -4.45 -0.73 3.06
N LEU A 34 -5.53 -1.08 2.41
CA LEU A 34 -5.70 -0.68 0.98
C LEU A 34 -6.46 0.65 0.85
N GLN A 35 -7.69 0.68 1.30
CA GLN A 35 -8.50 1.93 1.19
C GLN A 35 -7.71 3.15 1.70
N ILE A 36 -6.88 2.97 2.67
CA ILE A 36 -6.10 4.12 3.22
C ILE A 36 -4.93 4.43 2.29
N ALA A 37 -3.97 3.56 2.30
CA ALA A 37 -2.78 3.77 1.43
C ALA A 37 -3.24 4.08 0.01
N LEU A 38 -4.29 3.43 -0.44
CA LEU A 38 -4.80 3.71 -1.80
C LEU A 38 -5.18 5.19 -1.90
N ALA A 39 -5.94 5.68 -0.96
CA ALA A 39 -6.31 7.12 -0.99
C ALA A 39 -5.05 7.95 -1.23
N SER A 40 -3.97 7.57 -0.61
CA SER A 40 -2.70 8.34 -0.82
C SER A 40 -2.38 8.39 -2.31
N PHE A 41 -2.21 7.25 -2.93
CA PHE A 41 -1.92 7.22 -4.36
C PHE A 41 -2.71 8.30 -5.10
N TYR A 42 -4.00 8.32 -4.90
CA TYR A 42 -4.85 9.32 -5.58
C TYR A 42 -4.82 10.64 -4.81
N GLU A 43 -4.93 10.57 -3.51
CA GLU A 43 -4.90 11.80 -2.68
C GLU A 43 -3.50 12.39 -2.67
N ASP A 44 -3.34 13.55 -2.11
CA ASP A 44 -1.99 14.16 -2.04
C ASP A 44 -1.09 13.22 -1.23
N GLY A 45 -1.65 12.14 -0.76
CA GLY A 45 -0.84 11.17 0.03
C GLY A 45 -1.07 11.42 1.52
N GLY A 46 -2.19 11.01 2.03
CA GLY A 46 -2.47 11.21 3.48
C GLY A 46 -3.84 10.64 3.83
N MET A 1 1.64 -10.44 9.96
CA MET A 1 2.27 -9.25 9.30
C MET A 1 3.56 -9.67 8.60
N ALA A 2 4.43 -10.35 9.28
CA ALA A 2 5.72 -10.79 8.65
C ALA A 2 5.46 -11.30 7.23
N GLU A 3 4.39 -12.03 7.04
CA GLU A 3 4.08 -12.55 5.68
C GLU A 3 3.07 -11.65 4.96
N GLU A 4 2.12 -11.14 5.68
CA GLU A 4 1.10 -10.25 5.05
C GLU A 4 1.79 -9.07 4.37
N ARG A 5 2.77 -8.49 5.01
CA ARG A 5 3.49 -7.33 4.39
C ARG A 5 3.96 -7.70 2.99
N GLN A 6 4.42 -8.91 2.81
CA GLN A 6 4.90 -9.34 1.47
C GLN A 6 3.72 -9.43 0.51
N ASP A 7 2.75 -10.25 0.82
CA ASP A 7 1.58 -10.39 -0.07
C ASP A 7 0.72 -9.13 -0.01
N ALA A 8 0.25 -8.78 1.15
CA ALA A 8 -0.60 -7.55 1.27
C ALA A 8 0.02 -6.40 0.48
N LEU A 9 1.32 -6.29 0.49
CA LEU A 9 1.97 -5.20 -0.28
C LEU A 9 1.72 -5.43 -1.78
N ARG A 10 2.12 -6.55 -2.30
CA ARG A 10 1.86 -6.80 -3.72
C ARG A 10 0.37 -6.66 -3.97
N GLU A 11 -0.45 -7.13 -3.06
CA GLU A 11 -1.91 -6.94 -3.25
C GLU A 11 -2.11 -5.45 -3.47
N PHE A 12 -1.36 -4.66 -2.76
CA PHE A 12 -1.44 -3.20 -2.92
C PHE A 12 -0.79 -2.82 -4.24
N VAL A 13 0.42 -3.25 -4.45
CA VAL A 13 1.07 -2.95 -5.74
C VAL A 13 0.17 -3.46 -6.84
N ALA A 14 -0.68 -4.38 -6.52
CA ALA A 14 -1.63 -4.91 -7.52
C ALA A 14 -2.79 -3.94 -7.66
N VAL A 15 -3.08 -3.19 -6.63
CA VAL A 15 -4.19 -2.22 -6.71
C VAL A 15 -3.66 -0.81 -6.95
N THR A 16 -2.64 -0.45 -6.24
CA THR A 16 -2.06 0.90 -6.39
C THR A 16 -0.99 0.85 -7.46
N GLY A 17 -0.56 -0.32 -7.84
CA GLY A 17 0.48 -0.43 -8.89
C GLY A 17 1.76 0.22 -8.38
N ALA A 18 1.87 0.42 -7.10
CA ALA A 18 3.11 1.07 -6.58
C ALA A 18 4.28 0.10 -6.63
N GLU A 19 5.34 0.42 -5.94
CA GLU A 19 6.52 -0.47 -5.92
C GLU A 19 6.58 -1.20 -4.59
N GLU A 20 6.93 -2.45 -4.58
CA GLU A 20 7.02 -3.18 -3.29
C GLU A 20 7.44 -2.19 -2.20
N ASP A 21 8.44 -1.41 -2.50
CA ASP A 21 8.95 -0.41 -1.54
C ASP A 21 8.06 0.84 -1.47
N ARG A 22 7.55 1.32 -2.57
CA ARG A 22 6.70 2.51 -2.49
C ARG A 22 5.50 2.24 -1.61
N ALA A 23 4.77 1.21 -1.91
CA ALA A 23 3.61 0.86 -1.06
C ALA A 23 4.09 0.68 0.36
N ARG A 24 5.08 -0.14 0.57
CA ARG A 24 5.58 -0.34 1.96
C ARG A 24 5.76 1.01 2.65
N PHE A 25 6.15 2.01 1.92
CA PHE A 25 6.34 3.34 2.55
C PHE A 25 5.00 3.87 3.04
N PHE A 26 4.08 4.07 2.15
CA PHE A 26 2.78 4.58 2.57
C PHE A 26 1.85 3.41 2.92
N LEU A 27 2.26 2.21 2.61
CA LEU A 27 1.44 1.04 3.00
C LEU A 27 1.33 1.07 4.51
N GLU A 28 2.48 0.94 5.14
CA GLU A 28 2.54 0.98 6.62
C GLU A 28 2.08 2.33 7.14
N SER A 29 2.52 3.37 6.52
CA SER A 29 2.09 4.72 6.96
C SER A 29 0.59 4.68 7.28
N ALA A 30 -0.13 3.91 6.52
CA ALA A 30 -1.59 3.78 6.74
C ALA A 30 -1.94 2.40 7.34
N GLY A 31 -0.94 1.61 7.61
CA GLY A 31 -1.19 0.25 8.17
C GLY A 31 -1.34 -0.76 7.04
N TRP A 32 -0.43 -0.72 6.10
CA TRP A 32 -0.47 -1.62 4.94
C TRP A 32 -1.91 -1.87 4.53
N ASP A 33 -2.74 -0.90 4.76
CA ASP A 33 -4.17 -1.06 4.39
C ASP A 33 -4.37 -0.66 2.93
N LEU A 34 -5.41 -1.15 2.31
CA LEU A 34 -5.66 -0.82 0.89
C LEU A 34 -6.50 0.46 0.77
N GLN A 35 -7.70 0.44 1.28
CA GLN A 35 -8.58 1.65 1.20
C GLN A 35 -7.83 2.89 1.71
N ILE A 36 -7.05 2.74 2.74
CA ILE A 36 -6.29 3.91 3.28
C ILE A 36 -5.14 4.24 2.35
N ALA A 37 -4.18 3.37 2.34
CA ALA A 37 -3.00 3.58 1.46
C ALA A 37 -3.49 4.00 0.08
N LEU A 38 -4.56 3.42 -0.37
CA LEU A 38 -5.10 3.79 -1.70
C LEU A 38 -5.52 5.27 -1.69
N ALA A 39 -6.30 5.66 -0.72
CA ALA A 39 -6.74 7.08 -0.65
C ALA A 39 -5.54 7.99 -0.93
N SER A 40 -4.42 7.73 -0.32
CA SER A 40 -3.22 8.58 -0.57
C SER A 40 -2.88 8.55 -2.05
N PHE A 41 -2.55 7.40 -2.58
CA PHE A 41 -2.24 7.30 -4.01
C PHE A 41 -3.19 8.17 -4.82
N TYR A 42 -4.42 8.19 -4.43
CA TYR A 42 -5.43 9.01 -5.15
C TYR A 42 -5.38 10.45 -4.66
N GLU A 43 -5.08 10.63 -3.41
CA GLU A 43 -4.99 12.02 -2.85
C GLU A 43 -6.29 12.74 -3.10
N ASP A 44 -7.29 11.98 -3.34
CA ASP A 44 -8.64 12.55 -3.61
C ASP A 44 -9.34 12.91 -2.29
N GLY A 45 -8.61 13.36 -1.31
CA GLY A 45 -9.24 13.72 -0.02
C GLY A 45 -8.16 14.14 0.97
N GLY A 46 -7.53 15.27 0.75
CA GLY A 46 -6.47 15.73 1.67
C GLY A 46 -5.44 14.61 1.87
N MET A 1 2.94 -15.34 9.47
CA MET A 1 2.43 -14.11 10.14
C MET A 1 2.85 -12.86 9.35
N ALA A 2 4.02 -12.35 9.62
CA ALA A 2 4.50 -11.14 8.88
C ALA A 2 4.33 -11.35 7.38
N GLU A 3 4.34 -12.57 6.93
CA GLU A 3 4.20 -12.83 5.47
C GLU A 3 3.07 -11.95 4.89
N GLU A 4 2.06 -11.69 5.66
CA GLU A 4 0.93 -10.85 5.16
C GLU A 4 1.48 -9.55 4.55
N ARG A 5 2.58 -9.06 5.06
CA ARG A 5 3.16 -7.81 4.51
C ARG A 5 3.61 -8.03 3.07
N GLN A 6 4.32 -9.10 2.82
CA GLN A 6 4.79 -9.37 1.43
C GLN A 6 3.59 -9.40 0.49
N ASP A 7 2.58 -10.13 0.86
CA ASP A 7 1.38 -10.22 -0.01
C ASP A 7 0.56 -8.93 0.07
N ALA A 8 0.08 -8.58 1.24
CA ALA A 8 -0.72 -7.33 1.37
C ALA A 8 -0.09 -6.21 0.55
N LEU A 9 1.21 -6.09 0.59
CA LEU A 9 1.88 -5.02 -0.21
C LEU A 9 1.63 -5.28 -1.68
N ARG A 10 2.05 -6.41 -2.18
CA ARG A 10 1.80 -6.70 -3.60
C ARG A 10 0.31 -6.50 -3.88
N GLU A 11 -0.52 -6.87 -2.95
CA GLU A 11 -1.97 -6.62 -3.16
C GLU A 11 -2.09 -5.14 -3.48
N PHE A 12 -1.35 -4.35 -2.76
CA PHE A 12 -1.36 -2.90 -3.02
C PHE A 12 -0.66 -2.63 -4.35
N VAL A 13 0.56 -3.07 -4.47
CA VAL A 13 1.26 -2.86 -5.76
C VAL A 13 0.35 -3.35 -6.87
N ALA A 14 -0.57 -4.20 -6.54
CA ALA A 14 -1.53 -4.71 -7.55
C ALA A 14 -2.62 -3.65 -7.74
N VAL A 15 -2.88 -2.87 -6.73
CA VAL A 15 -3.93 -1.83 -6.85
C VAL A 15 -3.32 -0.48 -7.20
N THR A 16 -2.24 -0.16 -6.56
CA THR A 16 -1.54 1.11 -6.82
C THR A 16 -0.63 0.90 -8.02
N GLY A 17 -0.35 -0.34 -8.33
CA GLY A 17 0.52 -0.63 -9.49
C GLY A 17 1.87 0.02 -9.25
N ALA A 18 2.23 0.19 -8.01
CA ALA A 18 3.55 0.84 -7.74
C ALA A 18 4.58 -0.21 -7.34
N GLU A 19 5.67 0.24 -6.80
CA GLU A 19 6.71 -0.72 -6.38
C GLU A 19 6.38 -1.24 -4.99
N GLU A 20 7.32 -1.86 -4.36
CA GLU A 20 7.09 -2.39 -2.99
C GLU A 20 7.28 -1.26 -1.98
N ASP A 21 8.34 -0.52 -2.11
CA ASP A 21 8.63 0.58 -1.16
C ASP A 21 7.54 1.64 -1.20
N ARG A 22 7.14 2.08 -2.36
CA ARG A 22 6.10 3.10 -2.42
C ARG A 22 4.88 2.61 -1.67
N ALA A 23 4.47 1.41 -1.90
CA ALA A 23 3.31 0.88 -1.15
C ALA A 23 3.73 0.71 0.30
N ARG A 24 4.76 -0.04 0.54
CA ARG A 24 5.22 -0.21 1.94
C ARG A 24 5.39 1.16 2.57
N PHE A 25 5.56 2.17 1.76
CA PHE A 25 5.73 3.53 2.31
C PHE A 25 4.44 3.98 2.95
N PHE A 26 3.42 4.15 2.17
CA PHE A 26 2.13 4.59 2.76
C PHE A 26 1.35 3.39 3.29
N LEU A 27 1.72 2.20 2.90
CA LEU A 27 1.02 1.02 3.43
C LEU A 27 1.37 0.87 4.90
N GLU A 28 2.62 0.62 5.19
CA GLU A 28 3.03 0.47 6.61
C GLU A 28 2.67 1.71 7.39
N SER A 29 2.98 2.86 6.87
CA SER A 29 2.64 4.12 7.57
C SER A 29 1.17 4.10 7.98
N ALA A 30 0.33 3.52 7.18
CA ALA A 30 -1.12 3.47 7.51
C ALA A 30 -1.54 2.07 7.97
N GLY A 31 -0.62 1.16 8.09
CA GLY A 31 -0.98 -0.21 8.54
C GLY A 31 -1.25 -1.08 7.31
N TRP A 32 -0.41 -0.98 6.33
CA TRP A 32 -0.56 -1.75 5.09
C TRP A 32 -2.02 -1.85 4.70
N ASP A 33 -2.79 -0.89 5.10
CA ASP A 33 -4.22 -0.92 4.73
C ASP A 33 -4.42 -0.19 3.40
N LEU A 34 -5.20 -0.73 2.54
CA LEU A 34 -5.44 -0.09 1.22
C LEU A 34 -6.37 1.13 1.37
N GLN A 35 -7.52 0.95 1.96
CA GLN A 35 -8.45 2.10 2.13
C GLN A 35 -7.65 3.39 2.36
N ILE A 36 -6.72 3.35 3.28
CA ILE A 36 -5.89 4.57 3.55
C ILE A 36 -4.79 4.72 2.50
N ALA A 37 -3.91 3.76 2.43
CA ALA A 37 -2.81 3.84 1.43
C ALA A 37 -3.38 4.01 0.04
N LEU A 38 -4.32 3.19 -0.33
CA LEU A 38 -4.93 3.32 -1.68
C LEU A 38 -5.49 4.73 -1.84
N ALA A 39 -6.27 5.17 -0.89
CA ALA A 39 -6.83 6.54 -0.97
C ALA A 39 -5.69 7.53 -1.23
N SER A 40 -4.51 7.19 -0.77
CA SER A 40 -3.35 8.10 -0.98
C SER A 40 -3.00 8.16 -2.46
N PHE A 41 -2.60 7.06 -3.03
CA PHE A 41 -2.25 7.04 -4.45
C PHE A 41 -3.22 7.90 -5.27
N TYR A 42 -4.50 7.68 -5.07
CA TYR A 42 -5.52 8.45 -5.83
C TYR A 42 -5.61 9.88 -5.29
N GLU A 43 -5.69 10.03 -4.00
CA GLU A 43 -5.80 11.40 -3.41
C GLU A 43 -4.43 12.04 -3.30
N ASP A 44 -3.49 11.48 -3.96
CA ASP A 44 -2.10 12.02 -3.94
C ASP A 44 -1.84 12.86 -5.20
N GLY A 45 -2.85 13.47 -5.74
CA GLY A 45 -2.65 14.30 -6.96
C GLY A 45 -4.01 14.71 -7.53
N GLY A 46 -4.80 15.42 -6.76
CA GLY A 46 -6.13 15.85 -7.25
C GLY A 46 -5.98 16.52 -8.62
#